data_4MYB
#
_entry.id   4MYB
#
_cell.length_a   200.409
_cell.length_b   200.409
_cell.length_c   200.409
_cell.angle_alpha   90.000
_cell.angle_beta   90.000
_cell.angle_gamma   90.000
#
_symmetry.space_group_name_H-M   'F 41 3 2'
#
loop_
_entity.id
_entity.type
_entity.pdbx_description
1 polymer '2-C-methyl-D-erythritol 4-phosphate cytidylyltransferase'
2 water water
#
_entity_poly.entity_id   1
_entity_poly.type   'polypeptide(L)'
_entity_poly.pdbx_seq_one_letter_code
;VSNKYVIIPAAGIGTRMQLDIPKQYYKLNNGKTILDNTLVKFIDNPLFDKIFVAIAASDNFWNNSLYYNHDKIVVCNGGE
TRFNSVYNALNVIDERKNDDWVFVHDAARPCVSIDSIIDLYEQTKSSHSQAGILAVRAYETVKQVTKNIVVKTLARDNIW
LAQTPQLSRLGQLEKAFDFCYSNNLVAKVTDEASALEMFGINPIVVECSKKNIKITTKDDLEYANWQLGKGELNSKLEGK
PIPNPLLGLDSTRTGHHHHHH
;
_entity_poly.pdbx_strand_id   A
#
# COMPACT_ATOMS: atom_id res chain seq x y z
N SER A 2 9.22 -18.86 0.18
CA SER A 2 8.32 -18.33 1.17
C SER A 2 7.01 -17.94 0.52
N ASN A 3 6.06 -17.49 1.34
CA ASN A 3 4.74 -17.12 0.85
C ASN A 3 4.66 -15.62 0.60
N LYS A 4 3.85 -15.22 -0.37
CA LYS A 4 3.66 -13.80 -0.66
C LYS A 4 2.23 -13.34 -0.29
N TYR A 5 2.16 -12.41 0.65
CA TYR A 5 0.88 -11.91 1.09
C TYR A 5 0.70 -10.48 0.67
N VAL A 6 -0.53 -10.12 0.34
CA VAL A 6 -0.88 -8.74 0.04
C VAL A 6 -1.89 -8.26 1.07
N ILE A 7 -1.61 -7.10 1.67
CA ILE A 7 -2.54 -6.47 2.56
C ILE A 7 -3.09 -5.25 1.88
N ILE A 8 -4.40 -5.20 1.77
CA ILE A 8 -5.06 -4.06 1.18
C ILE A 8 -5.92 -3.42 2.25
N PRO A 9 -5.50 -2.23 2.72
CA PRO A 9 -6.21 -1.54 3.80
C PRO A 9 -7.44 -0.77 3.32
N ALA A 10 -8.41 -0.65 4.23
CA ALA A 10 -9.41 0.39 4.04
C ALA A 10 -8.87 1.67 4.65
N ALA A 11 -9.32 2.82 4.15
CA ALA A 11 -8.80 4.09 4.64
C ALA A 11 -9.79 5.23 4.47
N GLY A 12 -9.98 5.99 5.55
CA GLY A 12 -10.83 7.17 5.53
C GLY A 12 -10.19 8.29 6.33
N ILE A 13 -9.00 7.99 6.87
CA ILE A 13 -8.25 8.95 7.66
C ILE A 13 -7.66 10.06 6.79
N GLY A 14 -7.65 11.29 7.30
CA GLY A 14 -8.18 11.59 8.62
C GLY A 14 -7.10 12.10 9.57
N ASP A 20 -20.37 5.14 6.07
CA ASP A 20 -21.57 4.67 5.41
C ASP A 20 -21.20 3.73 4.26
N ILE A 21 -20.93 4.31 3.08
CA ILE A 21 -20.47 3.52 1.94
C ILE A 21 -19.08 3.98 1.48
N PRO A 22 -18.04 3.23 1.88
CA PRO A 22 -16.64 3.55 1.54
C PRO A 22 -16.43 3.83 0.04
N LYS A 23 -15.54 4.77 -0.28
CA LYS A 23 -15.20 5.10 -1.68
C LYS A 23 -14.80 3.88 -2.49
N GLN A 24 -14.47 2.80 -1.80
CA GLN A 24 -13.92 1.58 -2.39
C GLN A 24 -15.01 0.65 -2.91
N TYR A 25 -16.26 1.10 -2.85
CA TYR A 25 -17.34 0.35 -3.48
C TYR A 25 -17.88 1.13 -4.67
N TYR A 26 -16.95 1.81 -5.35
CA TYR A 26 -17.26 2.70 -6.48
C TYR A 26 -17.00 2.01 -7.83
N LYS A 27 -18.08 1.68 -8.55
CA LYS A 27 -17.99 1.01 -9.84
C LYS A 27 -17.61 2.03 -10.91
N LEU A 28 -16.36 1.96 -11.35
CA LEU A 28 -15.71 3.07 -12.04
C LEU A 28 -15.88 3.12 -13.54
N ASN A 29 -15.40 2.08 -14.19
CA ASN A 29 -15.61 1.91 -15.61
C ASN A 29 -15.74 0.41 -15.82
N ASN A 30 -16.67 0.02 -16.68
CA ASN A 30 -17.01 -1.38 -16.90
C ASN A 30 -17.73 -2.00 -15.70
N GLY A 31 -18.41 -1.14 -14.94
CA GLY A 31 -19.16 -1.59 -13.78
C GLY A 31 -18.24 -2.30 -12.84
N LYS A 32 -17.01 -1.79 -12.80
CA LYS A 32 -15.94 -2.43 -12.09
C LYS A 32 -15.52 -1.57 -10.90
N THR A 33 -15.89 -2.05 -9.72
CA THR A 33 -15.64 -1.40 -8.44
C THR A 33 -14.17 -1.05 -8.30
N ILE A 34 -13.89 0.14 -7.76
CA ILE A 34 -12.52 0.63 -7.64
C ILE A 34 -11.64 -0.34 -6.83
N LEU A 35 -12.20 -0.94 -5.80
CA LEU A 35 -11.48 -1.92 -5.01
C LEU A 35 -11.27 -3.22 -5.79
N ASP A 36 -12.31 -3.65 -6.51
CA ASP A 36 -12.28 -4.90 -7.25
C ASP A 36 -11.23 -4.86 -8.38
N ASN A 37 -11.15 -3.71 -9.06
CA ASN A 37 -10.19 -3.56 -10.15
C ASN A 37 -8.77 -3.67 -9.67
N THR A 38 -8.57 -3.32 -8.40
CA THR A 38 -7.25 -3.40 -7.80
C THR A 38 -6.98 -4.83 -7.41
N LEU A 39 -7.94 -5.43 -6.71
CA LEU A 39 -7.84 -6.83 -6.32
C LEU A 39 -7.52 -7.71 -7.52
N VAL A 40 -7.94 -7.30 -8.71
CA VAL A 40 -7.66 -8.07 -9.93
C VAL A 40 -6.18 -8.39 -10.16
N LYS A 41 -5.32 -7.39 -10.09
CA LYS A 41 -3.92 -7.60 -10.43
C LYS A 41 -3.21 -8.56 -9.49
N PHE A 42 -3.76 -8.75 -8.29
CA PHE A 42 -3.17 -9.68 -7.33
C PHE A 42 -3.92 -11.01 -7.31
N ILE A 43 -5.21 -10.97 -7.61
CA ILE A 43 -6.02 -12.19 -7.64
C ILE A 43 -5.52 -13.08 -8.75
N ASP A 44 -5.39 -12.49 -9.95
CA ASP A 44 -5.02 -13.24 -11.16
C ASP A 44 -3.51 -13.43 -11.27
N ASN A 45 -2.78 -13.23 -10.19
CA ASN A 45 -1.35 -13.45 -10.23
C ASN A 45 -0.81 -14.49 -9.24
N PRO A 46 -0.30 -15.60 -9.77
CA PRO A 46 0.23 -16.73 -9.00
C PRO A 46 1.41 -16.37 -8.08
N LEU A 47 1.97 -15.18 -8.21
CA LEU A 47 3.05 -14.72 -7.34
C LEU A 47 2.50 -14.45 -5.94
N PHE A 48 1.23 -14.09 -5.86
CA PHE A 48 0.64 -13.77 -4.57
C PHE A 48 -0.20 -14.94 -4.05
N ASP A 49 0.06 -15.34 -2.81
CA ASP A 49 -0.56 -16.52 -2.25
C ASP A 49 -1.91 -16.20 -1.59
N LYS A 50 -1.93 -15.11 -0.83
CA LYS A 50 -3.15 -14.68 -0.18
C LYS A 50 -3.21 -13.17 -0.18
N ILE A 51 -4.43 -12.65 -0.20
CA ILE A 51 -4.67 -11.22 -0.16
C ILE A 51 -5.57 -10.93 1.03
N PHE A 52 -5.13 -10.03 1.89
CA PHE A 52 -5.90 -9.68 3.07
C PHE A 52 -6.55 -8.33 2.84
N VAL A 53 -7.87 -8.33 2.72
CA VAL A 53 -8.66 -7.11 2.54
C VAL A 53 -9.29 -6.74 3.88
N ALA A 54 -8.90 -5.59 4.41
CA ALA A 54 -9.34 -5.18 5.74
C ALA A 54 -10.32 -4.02 5.70
N ILE A 55 -11.43 -4.14 6.42
CA ILE A 55 -12.46 -3.08 6.46
C ILE A 55 -13.04 -2.88 7.86
N PHE A 61 -19.72 -5.17 6.51
CA PHE A 61 -20.63 -6.02 5.77
C PHE A 61 -20.08 -6.34 4.37
N TRP A 62 -19.19 -7.33 4.29
CA TRP A 62 -18.48 -7.66 3.06
C TRP A 62 -19.14 -8.77 2.23
N ASN A 63 -20.11 -9.47 2.83
CA ASN A 63 -20.90 -10.46 2.11
C ASN A 63 -21.31 -9.87 0.78
N ASN A 64 -21.86 -8.65 0.88
CA ASN A 64 -22.49 -7.99 -0.25
C ASN A 64 -21.73 -6.74 -0.75
N SER A 65 -20.45 -6.96 -0.71
CA SER A 65 -19.56 -6.01 -1.37
C SER A 65 -19.71 -5.85 -2.90
N LEU A 66 -19.73 -6.95 -3.68
CA LEU A 66 -19.79 -8.34 -3.23
C LEU A 66 -18.79 -9.25 -3.93
N TYR A 67 -18.15 -8.73 -4.96
CA TYR A 67 -17.53 -9.57 -6.00
C TYR A 67 -16.56 -10.66 -5.53
N TYR A 68 -16.17 -10.64 -4.26
CA TYR A 68 -15.14 -11.56 -3.79
C TYR A 68 -15.38 -12.26 -2.46
N ASN A 69 -15.79 -13.54 -2.53
CA ASN A 69 -15.63 -14.47 -1.44
C ASN A 69 -14.66 -15.51 -1.97
N HIS A 70 -13.67 -14.99 -2.68
CA HIS A 70 -12.73 -15.79 -3.46
C HIS A 70 -11.74 -16.56 -2.59
N ASP A 71 -11.23 -17.66 -3.16
CA ASP A 71 -10.18 -18.49 -2.54
C ASP A 71 -9.00 -17.70 -1.94
N LYS A 72 -8.36 -16.85 -2.74
CA LYS A 72 -7.17 -16.12 -2.29
C LYS A 72 -7.49 -15.03 -1.29
N ILE A 73 -8.76 -14.64 -1.24
CA ILE A 73 -9.19 -13.51 -0.44
C ILE A 73 -9.53 -13.85 1.00
N VAL A 74 -8.91 -13.13 1.93
CA VAL A 74 -9.23 -13.22 3.35
C VAL A 74 -9.61 -11.84 3.82
N VAL A 75 -10.79 -11.70 4.42
CA VAL A 75 -11.22 -10.42 4.93
C VAL A 75 -10.83 -10.29 6.40
N CYS A 76 -10.55 -9.07 6.84
CA CYS A 76 -10.26 -8.86 8.26
C CYS A 76 -10.65 -7.46 8.70
N ASN A 77 -10.55 -7.23 10.00
CA ASN A 77 -11.09 -6.01 10.59
C ASN A 77 -10.15 -4.82 10.46
N GLY A 78 -10.57 -3.83 9.67
CA GLY A 78 -9.85 -2.57 9.56
C GLY A 78 -9.85 -1.84 10.89
N GLY A 79 -8.99 -0.84 11.03
CA GLY A 79 -8.89 -0.12 12.28
C GLY A 79 -9.04 1.38 12.16
N GLU A 80 -8.87 2.07 13.29
CA GLU A 80 -8.95 3.52 13.32
C GLU A 80 -8.11 4.17 12.21
N THR A 81 -6.94 3.61 11.93
CA THR A 81 -6.06 4.17 10.93
C THR A 81 -5.50 3.13 9.99
N ARG A 82 -4.77 3.58 8.97
CA ARG A 82 -4.22 2.68 7.98
C ARG A 82 -3.26 1.73 8.67
N PHE A 83 -2.43 2.30 9.55
CA PHE A 83 -1.48 1.55 10.37
C PHE A 83 -2.19 0.40 11.04
N ASN A 84 -3.30 0.71 11.71
CA ASN A 84 -4.05 -0.29 12.47
C ASN A 84 -4.68 -1.37 11.61
N SER A 85 -5.18 -0.98 10.44
CA SER A 85 -5.75 -1.95 9.53
C SER A 85 -4.64 -2.93 9.08
N VAL A 86 -3.46 -2.39 8.79
CA VAL A 86 -2.38 -3.27 8.36
C VAL A 86 -1.89 -4.15 9.52
N TYR A 87 -1.81 -3.58 10.71
CA TYR A 87 -1.37 -4.28 11.91
C TYR A 87 -2.29 -5.45 12.12
N ASN A 88 -3.58 -5.18 12.12
CA ASN A 88 -4.61 -6.20 12.22
C ASN A 88 -4.43 -7.32 11.20
N ALA A 89 -4.27 -6.92 9.95
CA ALA A 89 -4.10 -7.88 8.87
C ALA A 89 -2.88 -8.79 9.10
N LEU A 90 -1.76 -8.20 9.53
CA LEU A 90 -0.57 -8.95 9.90
C LEU A 90 -0.90 -9.97 10.99
N ASN A 91 -1.57 -9.50 12.03
CA ASN A 91 -1.96 -10.35 13.15
C ASN A 91 -2.92 -11.46 12.75
N VAL A 92 -3.52 -11.35 11.56
CA VAL A 92 -4.46 -12.39 11.12
C VAL A 92 -3.84 -13.44 10.18
N ILE A 93 -2.60 -13.23 9.81
CA ILE A 93 -1.90 -14.18 8.95
C ILE A 93 -1.42 -15.40 9.75
N ASP A 94 -2.25 -16.43 9.82
CA ASP A 94 -1.84 -17.65 10.51
C ASP A 94 -0.77 -18.37 9.69
N GLU A 95 0.01 -19.20 10.36
CA GLU A 95 1.15 -19.89 9.74
C GLU A 95 2.16 -18.93 9.08
N ARG A 96 2.16 -17.68 9.52
CA ARG A 96 3.12 -16.71 9.01
C ARG A 96 4.51 -17.06 9.48
N LYS A 97 5.48 -16.81 8.61
CA LYS A 97 6.90 -16.99 8.90
C LYS A 97 7.70 -15.69 8.71
N ASN A 98 8.76 -15.54 9.51
CA ASN A 98 9.64 -14.38 9.41
C ASN A 98 10.11 -14.06 7.99
N ASP A 99 10.36 -15.09 7.18
CA ASP A 99 10.81 -14.89 5.81
C ASP A 99 9.71 -14.81 4.74
N ASP A 100 8.44 -14.78 5.15
CA ASP A 100 7.39 -14.49 4.18
C ASP A 100 7.48 -13.03 3.68
N TRP A 101 6.66 -12.68 2.70
CA TRP A 101 6.73 -11.36 2.10
C TRP A 101 5.38 -10.70 2.23
N VAL A 102 5.39 -9.41 2.50
CA VAL A 102 4.15 -8.65 2.61
C VAL A 102 4.24 -7.46 1.66
N PHE A 103 3.28 -7.38 0.73
CA PHE A 103 3.07 -6.21 -0.10
C PHE A 103 1.85 -5.51 0.46
N VAL A 104 2.02 -4.30 0.97
CA VAL A 104 0.88 -3.49 1.38
C VAL A 104 0.55 -2.61 0.21
N HIS A 105 -0.71 -2.60 -0.19
CA HIS A 105 -1.08 -1.87 -1.40
C HIS A 105 -2.34 -1.01 -1.21
N ASP A 106 -2.42 0.10 -1.94
CA ASP A 106 -3.58 0.98 -1.83
C ASP A 106 -4.80 0.36 -2.49
N ALA A 107 -5.92 0.32 -1.76
CA ALA A 107 -7.16 -0.19 -2.30
C ALA A 107 -7.55 0.47 -3.63
N ALA A 108 -6.97 1.69 -3.88
CA ALA A 108 -7.37 2.51 -5.01
C ALA A 108 -6.26 2.79 -6.01
N ARG A 109 -5.41 1.79 -6.22
CA ARG A 109 -4.37 1.89 -7.23
C ARG A 109 -4.46 0.73 -8.20
N PRO A 110 -5.57 0.62 -8.93
CA PRO A 110 -5.56 -0.51 -9.87
C PRO A 110 -4.75 -0.19 -11.15
N CYS A 111 -3.89 0.82 -11.10
CA CYS A 111 -3.07 1.19 -12.25
C CYS A 111 -1.60 0.79 -12.12
N VAL A 112 -1.24 0.10 -11.04
CA VAL A 112 0.14 -0.33 -10.88
C VAL A 112 0.46 -1.39 -11.92
N SER A 113 1.61 -1.29 -12.57
CA SER A 113 2.00 -2.27 -13.58
C SER A 113 2.70 -3.49 -13.01
N ILE A 114 2.54 -4.61 -13.72
CA ILE A 114 3.15 -5.86 -13.34
C ILE A 114 4.68 -5.74 -13.31
N ASP A 115 5.25 -5.12 -14.33
CA ASP A 115 6.69 -4.89 -14.42
C ASP A 115 7.25 -4.23 -13.17
N SER A 116 6.50 -3.29 -12.63
CA SER A 116 6.91 -2.56 -11.44
C SER A 116 6.86 -3.45 -10.22
N ILE A 117 5.78 -4.22 -10.10
CA ILE A 117 5.69 -5.11 -8.97
C ILE A 117 6.82 -6.13 -9.00
N ILE A 118 7.10 -6.68 -10.17
CA ILE A 118 8.21 -7.64 -10.33
C ILE A 118 9.57 -7.03 -9.99
N ASP A 119 9.81 -5.82 -10.51
CA ASP A 119 11.04 -5.10 -10.24
C ASP A 119 11.19 -4.94 -8.75
N LEU A 120 10.12 -4.54 -8.10
CA LEU A 120 10.13 -4.31 -6.65
C LEU A 120 10.46 -5.59 -5.88
N TYR A 121 9.79 -6.68 -6.21
CA TYR A 121 10.03 -7.92 -5.51
C TYR A 121 11.47 -8.38 -5.67
N GLU A 122 11.97 -8.40 -6.90
CA GLU A 122 13.33 -8.89 -7.16
C GLU A 122 14.42 -8.08 -6.49
N GLN A 123 14.36 -6.79 -6.75
CA GLN A 123 15.36 -5.88 -6.18
C GLN A 123 15.29 -5.94 -4.66
N THR A 124 14.08 -6.02 -4.09
CA THR A 124 13.97 -6.04 -2.64
C THR A 124 14.56 -7.32 -2.08
N LYS A 125 14.29 -8.41 -2.78
CA LYS A 125 14.78 -9.73 -2.40
C LYS A 125 16.32 -9.79 -2.37
N SER A 126 16.98 -9.00 -3.22
CA SER A 126 18.43 -9.10 -3.16
C SER A 126 19.08 -7.95 -2.36
N SER A 127 18.26 -7.19 -1.63
CA SER A 127 18.78 -6.03 -0.93
C SER A 127 19.24 -6.40 0.47
N HIS A 128 20.01 -5.50 1.08
CA HIS A 128 20.39 -5.69 2.47
C HIS A 128 19.17 -5.50 3.38
N SER A 129 18.36 -4.48 3.08
CA SER A 129 17.17 -4.13 3.86
C SER A 129 16.12 -5.23 3.92
N GLN A 130 15.93 -5.91 2.78
CA GLN A 130 14.76 -6.76 2.58
C GLN A 130 13.44 -5.98 2.67
N ALA A 131 13.49 -4.69 2.38
CA ALA A 131 12.28 -3.86 2.28
C ALA A 131 12.42 -2.94 1.07
N GLY A 132 11.31 -2.58 0.43
CA GLY A 132 11.39 -1.72 -0.71
C GLY A 132 10.05 -1.08 -0.96
N ILE A 133 10.05 0.04 -1.67
CA ILE A 133 8.79 0.70 -1.97
C ILE A 133 8.82 1.11 -3.42
N LEU A 134 7.66 1.21 -4.10
CA LEU A 134 7.71 1.78 -5.44
C LEU A 134 7.70 3.28 -5.18
N ALA A 135 8.29 4.06 -6.06
CA ALA A 135 8.31 5.51 -5.83
C ALA A 135 8.51 6.28 -7.13
N VAL A 136 8.06 7.53 -7.17
CA VAL A 136 8.36 8.38 -8.32
C VAL A 136 9.17 9.60 -7.87
N ARG A 137 10.09 10.04 -8.70
CA ARG A 137 10.98 11.10 -8.29
C ARG A 137 10.24 12.43 -8.26
N ALA A 138 10.63 13.32 -7.35
CA ALA A 138 9.96 14.62 -7.27
C ALA A 138 10.82 15.69 -7.89
N TYR A 139 10.31 16.32 -8.94
CA TYR A 139 11.05 17.36 -9.65
C TYR A 139 10.47 18.69 -9.28
N GLU A 140 9.20 18.67 -8.90
CA GLU A 140 8.55 19.85 -8.34
C GLU A 140 9.07 20.04 -6.92
N THR A 141 9.14 21.29 -6.48
CA THR A 141 9.59 21.63 -5.13
C THR A 141 8.55 21.24 -4.11
N VAL A 142 8.99 20.62 -3.03
CA VAL A 142 8.11 20.22 -1.96
C VAL A 142 7.95 21.37 -1.00
N LYS A 143 6.73 21.79 -0.74
CA LYS A 143 6.51 22.86 0.21
C LYS A 143 5.71 22.32 1.37
N GLN A 144 5.73 23.07 2.46
CA GLN A 144 4.82 22.81 3.55
C GLN A 144 4.09 24.09 3.96
N VAL A 145 2.81 23.91 4.25
CA VAL A 145 1.83 24.98 4.18
C VAL A 145 0.93 25.04 5.41
N THR A 146 0.74 26.23 5.97
CA THR A 146 -0.21 26.38 7.05
C THR A 146 -1.20 27.46 6.68
N LYS A 147 -2.48 27.11 6.68
CA LYS A 147 -3.55 28.04 6.31
C LYS A 147 -3.37 28.62 4.91
N ASN A 148 -3.21 27.75 3.91
CA ASN A 148 -2.90 28.15 2.55
C ASN A 148 -1.68 29.14 2.39
N ILE A 149 -0.78 29.10 3.38
CA ILE A 149 0.45 29.87 3.28
C ILE A 149 1.70 29.02 3.35
N VAL A 150 2.63 29.20 2.42
CA VAL A 150 3.84 28.40 2.43
C VAL A 150 4.69 28.70 3.65
N VAL A 151 4.86 27.71 4.51
CA VAL A 151 5.68 27.89 5.71
C VAL A 151 7.12 27.41 5.55
N LYS A 152 7.32 26.28 4.85
CA LYS A 152 8.70 25.83 4.57
C LYS A 152 8.87 25.26 3.17
N THR A 153 10.13 25.11 2.75
CA THR A 153 10.47 24.60 1.43
C THR A 153 11.62 23.62 1.52
N LEU A 154 11.68 22.62 0.56
CA LEU A 154 12.72 21.58 0.57
C LEU A 154 13.78 21.79 -0.51
N ALA A 155 15.03 21.79 -0.09
CA ALA A 155 16.15 21.89 -1.02
C ALA A 155 16.25 20.61 -1.83
N ARG A 156 16.50 20.76 -3.12
CA ARG A 156 16.61 19.64 -4.05
C ARG A 156 17.81 18.75 -3.68
N ASP A 157 17.87 17.51 -4.18
CA ASP A 157 16.93 16.95 -5.15
C ASP A 157 16.53 15.51 -4.86
N ASN A 158 17.13 14.93 -3.83
CA ASN A 158 16.85 13.55 -3.47
C ASN A 158 15.46 13.36 -2.87
N ILE A 159 14.43 13.71 -3.63
CA ILE A 159 13.06 13.67 -3.12
C ILE A 159 12.17 12.78 -3.98
N TRP A 160 11.44 11.80 -3.37
CA TRP A 160 10.53 10.93 -4.07
C TRP A 160 9.16 10.96 -3.37
N LEU A 161 8.09 10.79 -4.13
CA LEU A 161 6.81 10.48 -3.56
C LEU A 161 6.65 8.96 -3.54
N ALA A 162 6.35 8.40 -2.36
CA ALA A 162 6.19 6.97 -2.18
C ALA A 162 4.90 6.46 -2.79
N GLN A 163 5.00 5.40 -3.59
CA GLN A 163 3.84 4.69 -4.09
C GLN A 163 3.87 3.25 -3.63
N THR A 164 2.66 2.70 -3.54
CA THR A 164 2.48 1.30 -3.22
C THR A 164 2.37 0.43 -4.48
N PRO A 165 2.68 -0.87 -4.38
CA PRO A 165 3.05 -1.66 -3.20
C PRO A 165 4.30 -1.19 -2.44
N GLN A 166 4.24 -1.40 -1.12
CA GLN A 166 5.42 -1.35 -0.30
C GLN A 166 5.65 -2.75 0.23
N LEU A 167 6.89 -3.19 0.19
CA LEU A 167 7.18 -4.59 0.36
C LEU A 167 8.23 -4.84 1.45
N SER A 168 7.99 -5.83 2.31
CA SER A 168 8.96 -6.18 3.33
C SER A 168 8.85 -7.64 3.73
N ARG A 169 9.95 -8.20 4.22
CA ARG A 169 9.89 -9.52 4.83
C ARG A 169 8.90 -9.37 5.98
N LEU A 170 8.15 -10.43 6.26
CA LEU A 170 7.08 -10.34 7.24
C LEU A 170 7.61 -10.10 8.65
N GLY A 171 8.54 -10.93 9.08
CA GLY A 171 9.01 -10.88 10.45
C GLY A 171 9.43 -9.47 10.87
N GLN A 172 10.24 -8.84 10.03
CA GLN A 172 10.79 -7.54 10.38
C GLN A 172 9.67 -6.52 10.33
N LEU A 173 8.64 -6.80 9.53
CA LEU A 173 7.56 -5.82 9.38
C LEU A 173 6.73 -5.82 10.66
N GLU A 174 6.43 -7.02 11.15
CA GLU A 174 5.73 -7.17 12.42
C GLU A 174 6.52 -6.58 13.58
N LYS A 175 7.83 -6.77 13.59
CA LYS A 175 8.62 -6.16 14.65
C LYS A 175 8.56 -4.63 14.59
N ALA A 176 8.64 -4.06 13.37
CA ALA A 176 8.55 -2.59 13.25
C ALA A 176 7.20 -2.10 13.69
N PHE A 177 6.14 -2.83 13.34
CA PHE A 177 4.80 -2.43 13.72
C PHE A 177 4.60 -2.51 15.23
N ASP A 178 5.13 -3.56 15.84
CA ASP A 178 5.03 -3.73 17.29
C ASP A 178 5.80 -2.59 17.92
N PHE A 179 6.98 -2.31 17.41
CA PHE A 179 7.79 -1.23 17.93
C PHE A 179 7.05 0.12 17.86
N CYS A 180 6.41 0.43 16.73
CA CYS A 180 5.71 1.70 16.57
C CYS A 180 4.46 1.78 17.42
N TYR A 181 3.73 0.68 17.49
CA TYR A 181 2.56 0.65 18.32
C TYR A 181 2.97 0.84 19.78
N SER A 182 3.88 0.02 20.26
CA SER A 182 4.17 0.00 21.68
C SER A 182 4.88 1.28 22.14
N ASN A 183 5.42 2.05 21.19
CA ASN A 183 6.04 3.35 21.49
C ASN A 183 5.20 4.57 21.11
N ASN A 184 3.94 4.31 20.78
CA ASN A 184 3.00 5.38 20.42
C ASN A 184 3.50 6.25 19.26
N LEU A 185 4.01 5.61 18.20
CA LEU A 185 4.51 6.35 17.04
C LEU A 185 3.56 6.23 15.88
N VAL A 186 2.37 5.70 16.16
CA VAL A 186 1.37 5.42 15.15
C VAL A 186 0.96 6.65 14.36
N ALA A 187 0.71 7.77 15.03
CA ALA A 187 0.29 8.97 14.34
C ALA A 187 1.39 9.48 13.41
N LYS A 188 2.64 9.19 13.76
CA LYS A 188 3.77 9.65 12.94
C LYS A 188 3.92 8.72 11.75
N VAL A 189 3.26 7.56 11.79
CA VAL A 189 3.37 6.60 10.70
C VAL A 189 2.49 7.01 9.54
N THR A 190 3.05 6.95 8.34
CA THR A 190 2.31 7.31 7.15
C THR A 190 2.24 6.10 6.21
N ASP A 191 3.36 5.67 5.66
CA ASP A 191 3.35 4.42 4.92
C ASP A 191 4.10 3.34 5.66
N GLU A 192 4.12 2.15 5.07
CA GLU A 192 4.82 1.00 5.62
C GLU A 192 6.31 1.33 5.82
N ALA A 193 6.87 2.04 4.86
CA ALA A 193 8.30 2.34 4.92
C ALA A 193 8.60 3.18 6.15
N SER A 194 7.70 4.09 6.51
CA SER A 194 8.01 4.99 7.62
C SER A 194 8.03 4.26 8.97
N ALA A 195 7.20 3.23 9.06
CA ALA A 195 7.21 2.33 10.21
C ALA A 195 8.55 1.65 10.25
N LEU A 196 8.98 1.10 9.12
CA LEU A 196 10.29 0.45 9.08
C LEU A 196 11.47 1.40 9.43
N GLU A 197 11.46 2.60 8.87
CA GLU A 197 12.51 3.58 9.11
C GLU A 197 12.59 3.91 10.59
N MET A 198 11.43 4.11 11.24
CA MET A 198 11.46 4.39 12.67
C MET A 198 12.03 3.21 13.46
N PHE A 199 11.93 2.03 12.87
CA PHE A 199 12.42 0.81 13.49
C PHE A 199 13.90 0.64 13.18
N GLY A 200 14.41 1.48 12.30
CA GLY A 200 15.81 1.42 11.95
C GLY A 200 16.05 0.67 10.65
N ILE A 201 14.99 0.39 9.90
CA ILE A 201 15.16 -0.29 8.61
C ILE A 201 14.84 0.65 7.45
N ASN A 202 15.83 0.90 6.60
CA ASN A 202 15.61 1.77 5.45
C ASN A 202 15.40 0.99 4.16
N PRO A 203 14.18 1.08 3.60
CA PRO A 203 13.82 0.32 2.39
C PRO A 203 14.51 0.87 1.17
N ILE A 204 14.78 0.01 0.18
CA ILE A 204 15.22 0.50 -1.11
C ILE A 204 14.05 1.14 -1.86
N VAL A 205 14.38 1.90 -2.90
CA VAL A 205 13.40 2.60 -3.72
C VAL A 205 13.43 1.99 -5.10
N VAL A 206 12.25 1.75 -5.66
CA VAL A 206 12.23 1.22 -7.01
C VAL A 206 11.34 2.11 -7.81
N GLU A 207 11.86 2.63 -8.91
CA GLU A 207 11.15 3.64 -9.67
C GLU A 207 9.98 3.00 -10.40
N CYS A 208 8.76 3.39 -10.10
CA CYS A 208 7.64 2.98 -10.94
C CYS A 208 7.36 4.08 -11.94
N SER A 209 6.18 4.03 -12.55
CA SER A 209 5.81 5.05 -13.53
C SER A 209 4.86 6.04 -12.88
N LYS A 210 4.93 7.28 -13.32
CA LYS A 210 3.97 8.30 -12.89
C LYS A 210 2.54 7.84 -13.24
N LYS A 211 2.43 6.82 -14.09
CA LYS A 211 1.14 6.26 -14.46
C LYS A 211 0.48 5.56 -13.27
N ASN A 212 1.29 5.15 -12.30
CA ASN A 212 0.81 4.51 -11.08
C ASN A 212 0.37 5.55 -10.06
N ILE A 213 -0.94 5.83 -10.06
CA ILE A 213 -1.49 6.88 -9.19
C ILE A 213 -2.67 6.39 -8.37
N LYS A 214 -2.89 7.02 -7.21
CA LYS A 214 -4.00 6.66 -6.34
C LYS A 214 -5.22 7.46 -6.75
N ILE A 215 -6.38 6.81 -6.72
CA ILE A 215 -7.60 7.46 -7.16
C ILE A 215 -8.29 8.26 -6.04
N THR A 216 -7.88 9.53 -5.93
CA THR A 216 -8.42 10.46 -4.93
C THR A 216 -9.46 11.40 -5.55
N THR A 217 -9.21 11.85 -6.76
CA THR A 217 -10.03 12.88 -7.39
C THR A 217 -10.86 12.35 -8.56
N LYS A 218 -11.68 13.23 -9.12
CA LYS A 218 -12.39 12.89 -10.35
C LYS A 218 -11.41 12.99 -11.53
N ASP A 219 -10.36 13.82 -11.37
CA ASP A 219 -9.35 14.03 -12.42
C ASP A 219 -8.47 12.81 -12.72
N ASP A 220 -7.94 12.20 -11.67
CA ASP A 220 -7.15 10.97 -11.84
C ASP A 220 -8.08 9.80 -12.14
N LEU A 221 -9.38 9.98 -11.87
CA LEU A 221 -10.36 9.00 -12.28
C LEU A 221 -10.45 9.04 -13.81
N GLU A 222 -10.46 10.25 -14.35
CA GLU A 222 -10.39 10.40 -15.80
C GLU A 222 -9.09 9.77 -16.31
N TYR A 223 -7.96 10.11 -15.68
CA TYR A 223 -6.67 9.52 -16.08
C TYR A 223 -6.73 8.02 -16.07
N ALA A 224 -7.50 7.48 -15.13
CA ALA A 224 -7.61 6.04 -14.95
C ALA A 224 -8.39 5.46 -16.12
N ASN A 225 -9.43 6.14 -16.55
CA ASN A 225 -10.20 5.64 -17.68
C ASN A 225 -9.43 5.71 -19.01
N TRP A 226 -8.76 6.83 -19.26
CA TRP A 226 -7.94 6.93 -20.49
C TRP A 226 -6.77 5.97 -20.38
N GLN A 227 -6.42 5.59 -19.15
CA GLN A 227 -5.40 4.57 -18.88
C GLN A 227 -5.85 3.20 -19.38
N LEU A 228 -7.09 2.83 -19.00
CA LEU A 228 -7.96 1.83 -19.70
C LEU A 228 -8.62 0.79 -18.78
#